data_5GJF
#
_entry.id   5GJF
#
_cell.length_a   58.070
_cell.length_b   132.960
_cell.length_c   141.460
_cell.angle_alpha   90.000
_cell.angle_beta   90.000
_cell.angle_gamma   90.000
#
_symmetry.space_group_name_H-M   'I 2 2 2'
#
loop_
_entity.id
_entity.type
_entity.pdbx_description
1 polymer 'TAK1 kinase - TAB1 chimera fusion protein'
2 non-polymer N-(2-isopropoxy-4-(4-methylpiperazine-1-carbonyl)phenyl)-2-(3-(3-phenylureido)phenyl)thiazole-4-carboxamide
3 water water
#
_entity_poly.entity_id   1
_entity_poly.type   'polypeptide(L)'
_entity_poly.pdbx_seq_one_letter_code
;GPLHMIDYKEIEVEEVVGRGAFGVVCKAKWRAKDVAIKQIESESERKAFIVELRQLSRVNHPNIVKLYGACLNPVCLVME
YAEGGSLYNVLHGAEPLPYYTAAHAMSWCLQCSQGVAYLHSMQPKALIHRDLKPPNLLLVAGGTVLKICDFGTACDIQTH
MTNNKGSAAWMAPEVFEGSNYSEKCDVFSWGIILWEVITRRKPFDEIGGPAFRIMWAVHNGTRPPLIKNLPKPIESLMTR
CWSKDPSQRPSMEEIVKIMTHLMRYFPGADEPLQYPCQHSLPPGEDGRVEPYVDFAEFYRLWSVDHGEQSVVTAP
;
_entity_poly.pdbx_strand_id   A
#
loop_
_chem_comp.id
_chem_comp.type
_chem_comp.name
_chem_comp.formula
6V4 non-polymer N-(2-isopropoxy-4-(4-methylpiperazine-1-carbonyl)phenyl)-2-(3-(3-phenylureido)phenyl)thiazole-4-carboxamide 'C32 H34 N6 O4 S'
#
# COMPACT_ATOMS: atom_id res chain seq x y z
N GLY A 1 -14.32 -8.48 19.05
CA GLY A 1 -14.62 -7.73 17.79
C GLY A 1 -16.05 -7.91 17.32
N PRO A 2 -16.99 -7.03 17.77
CA PRO A 2 -18.38 -7.06 17.29
C PRO A 2 -18.54 -6.77 15.80
N LEU A 3 -19.61 -7.31 15.22
CA LEU A 3 -19.80 -7.37 13.77
C LEU A 3 -21.27 -7.54 13.41
N HIS A 4 -21.74 -6.79 12.41
CA HIS A 4 -23.14 -6.86 11.97
C HIS A 4 -23.41 -8.10 11.13
N MET A 5 -24.53 -8.75 11.41
CA MET A 5 -25.04 -9.83 10.54
C MET A 5 -25.97 -9.19 9.51
N ILE A 6 -25.73 -9.52 8.24
CA ILE A 6 -26.34 -8.82 7.13
C ILE A 6 -27.12 -9.81 6.26
N ASP A 7 -28.43 -9.55 6.09
CA ASP A 7 -29.25 -10.29 5.14
C ASP A 7 -28.96 -9.77 3.74
N TYR A 8 -28.67 -10.68 2.81
CA TYR A 8 -28.30 -10.31 1.43
C TYR A 8 -29.35 -9.46 0.69
N LYS A 9 -30.60 -9.54 1.12
CA LYS A 9 -31.67 -8.65 0.65
C LYS A 9 -31.33 -7.16 0.78
N GLU A 10 -30.70 -6.77 1.89
CA GLU A 10 -30.34 -5.36 2.15
C GLU A 10 -29.27 -4.78 1.19
N ILE A 11 -28.43 -5.66 0.61
CA ILE A 11 -27.43 -5.25 -0.40
C ILE A 11 -28.09 -4.98 -1.77
N GLU A 12 -27.57 -3.98 -2.47
CA GLU A 12 -27.89 -3.72 -3.87
C GLU A 12 -26.58 -3.51 -4.65
N VAL A 13 -26.13 -4.53 -5.37
CA VAL A 13 -24.83 -4.52 -6.06
C VAL A 13 -24.84 -3.54 -7.24
N GLU A 14 -23.81 -2.69 -7.30
CA GLU A 14 -23.69 -1.62 -8.31
C GLU A 14 -22.75 -1.99 -9.46
N GLU A 15 -21.54 -2.47 -9.14
CA GLU A 15 -20.54 -2.82 -10.16
C GLU A 15 -19.44 -3.71 -9.61
N VAL A 16 -18.65 -4.29 -10.51
CA VAL A 16 -17.48 -5.12 -10.16
C VAL A 16 -16.21 -4.29 -10.30
N VAL A 17 -15.31 -4.41 -9.32
CA VAL A 17 -14.09 -3.58 -9.25
C VAL A 17 -12.83 -4.39 -8.90
N GLY A 18 -12.79 -5.66 -9.31
CA GLY A 18 -11.66 -6.56 -9.02
C GLY A 18 -12.11 -8.01 -8.94
N ARG A 19 -11.52 -8.87 -9.77
CA ARG A 19 -11.98 -10.26 -9.92
C ARG A 19 -10.96 -11.36 -9.59
N GLY A 20 -9.72 -10.98 -9.24
CA GLY A 20 -8.63 -11.95 -9.12
C GLY A 20 -8.69 -12.95 -7.97
N ALA A 21 -8.13 -14.14 -8.23
CA ALA A 21 -7.86 -15.19 -7.23
C ALA A 21 -9.09 -15.84 -6.54
N PHE A 22 -9.39 -15.45 -5.30
CA PHE A 22 -10.30 -16.22 -4.44
C PHE A 22 -11.66 -15.53 -4.22
N GLY A 23 -12.04 -14.64 -5.14
CA GLY A 23 -13.27 -13.88 -4.99
C GLY A 23 -13.42 -12.76 -6.01
N VAL A 24 -14.53 -12.03 -5.91
CA VAL A 24 -14.83 -10.91 -6.79
C VAL A 24 -15.31 -9.74 -5.93
N VAL A 25 -14.52 -8.66 -5.89
CA VAL A 25 -14.85 -7.46 -5.12
C VAL A 25 -15.83 -6.62 -5.92
N CYS A 26 -16.86 -6.09 -5.25
CA CYS A 26 -17.93 -5.35 -5.92
C CYS A 26 -18.35 -4.12 -5.12
N LYS A 27 -18.64 -3.03 -5.82
CA LYS A 27 -19.31 -1.88 -5.23
C LYS A 27 -20.76 -2.25 -4.96
N ALA A 28 -21.32 -1.67 -3.90
CA ALA A 28 -22.71 -1.91 -3.52
C ALA A 28 -23.22 -0.80 -2.61
N LYS A 29 -24.49 -0.89 -2.22
CA LYS A 29 -25.08 0.02 -1.24
C LYS A 29 -25.73 -0.80 -0.12
N TRP A 30 -25.78 -0.22 1.09
CA TRP A 30 -26.26 -0.91 2.28
C TRP A 30 -26.55 0.09 3.40
N ARG A 31 -27.83 0.26 3.73
CA ARG A 31 -28.30 1.21 4.74
C ARG A 31 -27.77 2.64 4.50
N ALA A 32 -27.89 3.08 3.24
CA ALA A 32 -27.37 4.37 2.74
C ALA A 32 -25.90 4.29 2.31
N LYS A 33 -25.05 3.78 3.20
CA LYS A 33 -23.59 3.73 3.01
C LYS A 33 -23.17 2.98 1.74
N ASP A 34 -22.23 3.57 0.98
CA ASP A 34 -21.56 2.88 -0.12
C ASP A 34 -20.63 1.85 0.53
N VAL A 35 -20.70 0.60 0.08
CA VAL A 35 -19.89 -0.49 0.65
C VAL A 35 -19.21 -1.33 -0.43
N ALA A 36 -18.12 -1.97 -0.05
CA ALA A 36 -17.41 -2.90 -0.91
C ALA A 36 -17.65 -4.28 -0.35
N ILE A 37 -17.94 -5.25 -1.22
CA ILE A 37 -18.18 -6.63 -0.80
C ILE A 37 -17.34 -7.64 -1.59
N LYS A 38 -16.71 -8.57 -0.87
CA LYS A 38 -15.90 -9.63 -1.46
C LYS A 38 -16.64 -10.97 -1.28
N GLN A 39 -17.13 -11.53 -2.38
CA GLN A 39 -17.85 -12.81 -2.34
C GLN A 39 -16.89 -14.00 -2.43
N ILE A 40 -17.25 -15.09 -1.74
CA ILE A 40 -16.52 -16.36 -1.81
C ILE A 40 -17.52 -17.48 -2.08
N ARG A 46 -14.50 -20.19 1.67
CA ARG A 46 -15.08 -20.84 2.85
C ARG A 46 -14.03 -21.15 3.92
N LYS A 47 -12.83 -21.59 3.50
CA LYS A 47 -11.78 -22.05 4.42
C LYS A 47 -11.12 -20.91 5.21
N ALA A 48 -10.26 -20.13 4.54
CA ALA A 48 -9.49 -19.05 5.19
C ALA A 48 -10.35 -17.84 5.58
N PHE A 49 -11.52 -17.71 4.95
CA PHE A 49 -12.55 -16.73 5.32
C PHE A 49 -12.78 -16.60 6.84
N ILE A 50 -12.74 -17.73 7.55
CA ILE A 50 -12.88 -17.74 9.02
C ILE A 50 -11.74 -16.96 9.67
N VAL A 51 -10.52 -17.20 9.20
CA VAL A 51 -9.33 -16.51 9.72
C VAL A 51 -9.33 -15.01 9.34
N GLU A 52 -9.75 -14.69 8.11
CA GLU A 52 -9.76 -13.30 7.64
C GLU A 52 -10.84 -12.48 8.36
N LEU A 53 -12.05 -13.01 8.39
CA LEU A 53 -13.19 -12.40 9.11
C LEU A 53 -12.89 -12.11 10.58
N ARG A 54 -12.21 -13.05 11.24
CA ARG A 54 -11.74 -12.90 12.62
C ARG A 54 -10.70 -11.77 12.73
N GLN A 55 -9.70 -11.81 11.84
CA GLN A 55 -8.66 -10.76 11.79
C GLN A 55 -9.24 -9.40 11.47
N LEU A 56 -10.12 -9.36 10.47
CA LEU A 56 -10.69 -8.11 9.97
C LEU A 56 -11.67 -7.46 10.96
N SER A 57 -12.16 -8.24 11.92
CA SER A 57 -12.97 -7.73 13.03
C SER A 57 -12.11 -7.28 14.22
N ARG A 58 -10.99 -7.97 14.46
CA ARG A 58 -10.05 -7.60 15.54
C ARG A 58 -9.38 -6.24 15.33
N VAL A 59 -9.07 -5.90 14.07
CA VAL A 59 -8.45 -4.60 13.75
C VAL A 59 -9.42 -3.43 13.94
N ASN A 60 -8.88 -2.33 14.48
CA ASN A 60 -9.61 -1.09 14.65
C ASN A 60 -8.59 0.05 14.57
N HIS A 61 -8.38 0.56 13.36
CA HIS A 61 -7.40 1.60 13.10
C HIS A 61 -7.84 2.42 11.88
N PRO A 62 -7.60 3.75 11.87
CA PRO A 62 -8.12 4.59 10.79
C PRO A 62 -7.53 4.31 9.41
N ASN A 63 -6.27 3.88 9.40
CA ASN A 63 -5.53 3.50 8.19
C ASN A 63 -5.61 2.02 7.81
N ILE A 64 -6.55 1.27 8.38
CA ILE A 64 -6.86 -0.09 7.93
C ILE A 64 -8.36 -0.16 7.65
N VAL A 65 -8.72 -0.88 6.60
CA VAL A 65 -10.08 -0.81 6.09
C VAL A 65 -11.10 -1.38 7.11
N LYS A 66 -12.28 -0.76 7.13
CA LYS A 66 -13.32 -1.02 8.12
C LYS A 66 -14.21 -2.16 7.64
N LEU A 67 -14.50 -3.10 8.53
CA LEU A 67 -15.45 -4.19 8.30
C LEU A 67 -16.76 -3.84 8.99
N TYR A 68 -17.82 -3.65 8.20
CA TYR A 68 -19.16 -3.46 8.75
C TYR A 68 -19.68 -4.81 9.23
N GLY A 69 -19.59 -5.82 8.37
CA GLY A 69 -19.89 -7.18 8.76
C GLY A 69 -19.84 -8.21 7.65
N ALA A 70 -20.49 -9.34 7.91
CA ALA A 70 -20.53 -10.47 6.96
C ALA A 70 -21.97 -10.93 6.74
N CYS A 71 -22.21 -11.45 5.54
CA CYS A 71 -23.44 -12.15 5.20
C CYS A 71 -23.06 -13.62 5.05
N LEU A 72 -23.61 -14.50 5.88
CA LEU A 72 -23.21 -15.92 5.90
C LEU A 72 -23.77 -16.75 4.75
N ASN A 73 -24.79 -16.22 4.05
CA ASN A 73 -25.28 -16.86 2.83
C ASN A 73 -25.89 -15.82 1.87
N PRO A 74 -25.27 -15.55 0.71
CA PRO A 74 -23.99 -16.12 0.27
C PRO A 74 -22.80 -15.53 1.04
N VAL A 75 -21.76 -16.35 1.26
CA VAL A 75 -20.64 -15.99 2.14
C VAL A 75 -19.80 -14.86 1.54
N CYS A 76 -19.94 -13.65 2.11
CA CYS A 76 -19.21 -12.48 1.63
C CYS A 76 -18.92 -11.45 2.74
N LEU A 77 -17.76 -10.81 2.66
CA LEU A 77 -17.39 -9.71 3.57
C LEU A 77 -18.05 -8.41 3.13
N VAL A 78 -18.38 -7.55 4.09
CA VAL A 78 -18.90 -6.21 3.80
C VAL A 78 -18.05 -5.17 4.54
N MET A 79 -17.52 -4.22 3.77
CA MET A 79 -16.52 -3.26 4.24
C MET A 79 -16.80 -1.89 3.63
N GLU A 80 -16.13 -0.87 4.16
CA GLU A 80 -16.26 0.50 3.64
C GLU A 80 -15.77 0.57 2.19
N TYR A 81 -16.46 1.34 1.37
CA TYR A 81 -16.06 1.50 -0.02
C TYR A 81 -15.01 2.60 -0.10
N ALA A 82 -13.96 2.35 -0.89
CA ALA A 82 -12.92 3.35 -1.13
C ALA A 82 -13.23 4.09 -2.41
N GLU A 83 -13.84 5.26 -2.26
CA GLU A 83 -14.16 6.14 -3.39
C GLU A 83 -12.95 6.46 -4.27
N GLY A 84 -11.79 6.74 -3.64
CA GLY A 84 -10.56 7.07 -4.36
C GLY A 84 -9.88 5.93 -5.13
N GLY A 85 -10.23 4.69 -4.81
CA GLY A 85 -9.69 3.52 -5.52
C GLY A 85 -8.30 3.13 -5.03
N SER A 86 -7.65 2.22 -5.73
CA SER A 86 -6.31 1.78 -5.35
C SER A 86 -5.29 2.89 -5.58
N LEU A 87 -4.27 2.93 -4.74
CA LEU A 87 -3.15 3.86 -4.92
C LEU A 87 -2.46 3.59 -6.26
N TYR A 88 -2.28 2.32 -6.60
CA TYR A 88 -1.71 1.93 -7.91
C TYR A 88 -2.41 2.64 -9.06
N ASN A 89 -3.74 2.65 -9.00
CA ASN A 89 -4.55 3.30 -10.02
C ASN A 89 -4.41 4.83 -10.00
N VAL A 90 -4.25 5.42 -8.82
CA VAL A 90 -3.95 6.85 -8.73
C VAL A 90 -2.55 7.15 -9.30
N LEU A 91 -1.58 6.28 -8.99
CA LEU A 91 -0.21 6.46 -9.44
C LEU A 91 -0.08 6.21 -10.93
N HIS A 92 -0.48 5.02 -11.38
CA HIS A 92 -0.22 4.52 -12.73
C HIS A 92 -1.44 4.13 -13.55
N GLY A 93 -2.64 4.50 -13.12
CA GLY A 93 -3.87 4.04 -13.76
C GLY A 93 -4.13 4.63 -15.13
N ALA A 94 -5.38 4.57 -15.56
CA ALA A 94 -5.80 5.16 -16.83
C ALA A 94 -5.88 6.67 -16.69
N GLU A 95 -5.66 7.36 -17.82
CA GLU A 95 -5.67 8.82 -17.86
C GLU A 95 -7.12 9.35 -17.68
N PRO A 96 -7.28 10.62 -17.26
CA PRO A 96 -6.21 11.49 -16.77
C PRO A 96 -5.84 11.14 -15.33
N LEU A 97 -4.54 11.02 -15.07
CA LEU A 97 -4.05 10.77 -13.72
C LEU A 97 -4.05 12.09 -12.96
N PRO A 98 -4.36 12.04 -11.65
CA PRO A 98 -4.37 13.27 -10.86
C PRO A 98 -2.97 13.72 -10.45
N TYR A 99 -2.81 15.04 -10.34
CA TYR A 99 -1.61 15.66 -9.80
C TYR A 99 -1.52 15.38 -8.31
N TYR A 100 -0.29 15.20 -7.80
CA TYR A 100 -0.05 15.15 -6.36
C TYR A 100 1.33 15.71 -6.02
N THR A 101 1.56 15.90 -4.73
CA THR A 101 2.66 16.69 -4.19
C THR A 101 3.54 15.85 -3.29
N ALA A 102 4.72 16.36 -2.95
CA ALA A 102 5.57 15.70 -1.95
C ALA A 102 4.82 15.44 -0.65
N ALA A 103 4.04 16.42 -0.20
CA ALA A 103 3.22 16.31 1.01
C ALA A 103 2.22 15.14 0.95
N HIS A 104 1.58 14.94 -0.21
CA HIS A 104 0.70 13.77 -0.40
C HIS A 104 1.49 12.49 -0.32
N ALA A 105 2.59 12.43 -1.07
CA ALA A 105 3.43 11.26 -1.12
C ALA A 105 3.94 10.88 0.27
N MET A 106 4.39 11.86 1.04
CA MET A 106 4.88 11.60 2.40
C MET A 106 3.76 11.19 3.36
N SER A 107 2.57 11.75 3.17
CA SER A 107 1.41 11.45 4.02
C SER A 107 0.89 10.03 3.80
N TRP A 108 0.79 9.62 2.53
CA TRP A 108 0.40 8.26 2.19
C TRP A 108 1.33 7.19 2.79
N CYS A 109 2.63 7.47 2.81
CA CYS A 109 3.60 6.54 3.38
C CYS A 109 3.57 6.58 4.91
N LEU A 110 3.34 7.76 5.48
CA LEU A 110 3.11 7.88 6.92
C LEU A 110 1.88 7.08 7.34
N GLN A 111 0.77 7.28 6.63
CA GLN A 111 -0.47 6.59 6.94
C GLN A 111 -0.39 5.07 6.80
N CYS A 112 0.24 4.62 5.72
CA CYS A 112 0.50 3.20 5.52
C CYS A 112 1.32 2.63 6.69
N SER A 113 2.37 3.33 7.08
CA SER A 113 3.26 2.86 8.17
C SER A 113 2.54 2.77 9.52
N GLN A 114 1.64 3.70 9.78
CA GLN A 114 0.82 3.70 10.98
C GLN A 114 -0.13 2.51 11.03
N GLY A 115 -0.74 2.19 9.90
CA GLY A 115 -1.54 0.98 9.77
C GLY A 115 -0.72 -0.27 10.05
N VAL A 116 0.46 -0.37 9.44
CA VAL A 116 1.30 -1.57 9.57
C VAL A 116 1.90 -1.69 10.98
N ALA A 117 2.25 -0.57 11.60
CA ALA A 117 2.75 -0.56 12.97
C ALA A 117 1.71 -1.12 13.94
N TYR A 118 0.43 -0.80 13.66
CA TYR A 118 -0.71 -1.36 14.39
C TYR A 118 -0.77 -2.88 14.26
N LEU A 119 -0.70 -3.37 13.01
CA LEU A 119 -0.73 -4.81 12.73
C LEU A 119 0.39 -5.57 13.43
N HIS A 120 1.59 -5.00 13.44
CA HIS A 120 2.74 -5.61 14.09
C HIS A 120 2.67 -5.55 15.62
N SER A 121 1.90 -4.61 16.16
CA SER A 121 1.78 -4.45 17.60
C SER A 121 0.62 -5.23 18.22
N MET A 122 -0.13 -5.98 17.42
CA MET A 122 -1.28 -6.74 17.92
C MET A 122 -0.79 -7.88 18.79
N GLN A 123 -1.61 -8.24 19.79
CA GLN A 123 -1.33 -9.35 20.69
C GLN A 123 -2.52 -10.32 20.77
N PRO A 124 -2.29 -11.59 21.08
CA PRO A 124 -0.98 -12.16 21.48
C PRO A 124 0.05 -12.33 20.35
N LYS A 125 -0.40 -12.67 19.15
CA LYS A 125 0.47 -12.75 17.97
C LYS A 125 0.25 -11.54 17.06
N ALA A 126 1.33 -11.04 16.46
CA ALA A 126 1.29 -9.95 15.50
C ALA A 126 0.82 -10.45 14.13
N LEU A 127 0.13 -9.58 13.39
CA LEU A 127 -0.24 -9.85 11.99
C LEU A 127 0.84 -9.29 11.10
N ILE A 128 1.44 -10.14 10.27
CA ILE A 128 2.34 -9.71 9.21
C ILE A 128 1.55 -9.70 7.90
N HIS A 129 1.54 -8.56 7.21
CA HIS A 129 0.79 -8.40 5.97
C HIS A 129 1.41 -9.22 4.83
N ARG A 130 2.73 -9.16 4.69
CA ARG A 130 3.49 -9.92 3.69
C ARG A 130 3.12 -9.69 2.21
N ASP A 131 2.39 -8.62 1.91
CA ASP A 131 1.92 -8.34 0.56
C ASP A 131 1.51 -6.87 0.43
N LEU A 132 2.35 -5.98 0.94
CA LEU A 132 2.13 -4.54 0.86
C LEU A 132 2.56 -4.09 -0.51
N LYS A 133 1.65 -3.44 -1.21
CA LYS A 133 1.93 -2.87 -2.51
C LYS A 133 0.76 -1.94 -2.85
N PRO A 134 0.97 -0.97 -3.75
CA PRO A 134 -0.09 0.01 -3.99
C PRO A 134 -1.46 -0.53 -4.43
N PRO A 135 -1.51 -1.70 -5.12
CA PRO A 135 -2.84 -2.28 -5.37
C PRO A 135 -3.66 -2.58 -4.12
N ASN A 136 -3.00 -2.89 -3.00
CA ASN A 136 -3.67 -3.12 -1.70
C ASN A 136 -3.69 -1.89 -0.79
N LEU A 137 -3.44 -0.71 -1.33
CA LEU A 137 -3.57 0.52 -0.58
C LEU A 137 -4.67 1.32 -1.26
N LEU A 138 -5.69 1.65 -0.48
CA LEU A 138 -6.89 2.33 -0.98
C LEU A 138 -6.96 3.76 -0.46
N LEU A 139 -7.58 4.64 -1.24
CA LEU A 139 -7.68 6.05 -0.89
C LEU A 139 -9.13 6.50 -0.68
N VAL A 140 -9.34 7.36 0.33
CA VAL A 140 -10.64 7.99 0.59
C VAL A 140 -10.44 9.48 0.91
N ALA A 141 -11.54 10.18 1.17
CA ALA A 141 -11.53 11.60 1.57
C ALA A 141 -10.79 12.46 0.55
N GLY A 142 -11.14 12.28 -0.72
CA GLY A 142 -10.52 13.02 -1.81
C GLY A 142 -9.06 12.70 -2.02
N GLY A 143 -8.67 11.46 -1.73
CA GLY A 143 -7.29 11.01 -1.93
C GLY A 143 -6.35 11.32 -0.77
N THR A 144 -6.85 11.99 0.27
CA THR A 144 -6.02 12.44 1.38
C THR A 144 -5.71 11.31 2.33
N VAL A 145 -6.68 10.44 2.59
CA VAL A 145 -6.57 9.37 3.56
C VAL A 145 -6.30 8.03 2.88
N LEU A 146 -5.47 7.20 3.51
CA LEU A 146 -5.06 5.91 2.96
C LEU A 146 -5.46 4.79 3.90
N LYS A 147 -5.91 3.67 3.33
CA LYS A 147 -6.33 2.49 4.11
C LYS A 147 -5.75 1.22 3.51
N ILE A 148 -5.10 0.42 4.36
CA ILE A 148 -4.52 -0.87 3.96
C ILE A 148 -5.63 -1.91 3.82
N CYS A 149 -5.56 -2.71 2.76
CA CYS A 149 -6.43 -3.87 2.58
C CYS A 149 -5.56 -5.03 2.14
N ASP A 150 -6.17 -6.15 1.73
CA ASP A 150 -5.45 -7.37 1.34
C ASP A 150 -6.32 -8.22 0.42
N PHE A 151 -6.25 -7.93 -0.88
CA PHE A 151 -7.02 -8.67 -1.87
C PHE A 151 -6.45 -10.08 -2.08
N GLY A 152 -5.13 -10.22 -2.05
CA GLY A 152 -4.48 -11.52 -2.24
C GLY A 152 -4.68 -11.98 -3.66
N THR A 153 -3.90 -11.39 -4.56
CA THR A 153 -4.20 -11.40 -5.99
C THR A 153 -3.86 -12.69 -6.77
N ALA A 154 -3.12 -13.62 -6.15
CA ALA A 154 -2.51 -14.74 -6.88
C ALA A 154 -2.61 -16.09 -6.18
N CYS A 155 -2.34 -17.15 -6.95
CA CYS A 155 -2.25 -18.53 -6.45
C CYS A 155 -1.54 -19.45 -7.46
N ASP A 156 -2.10 -19.52 -8.66
CA ASP A 156 -1.49 -20.27 -9.78
C ASP A 156 -0.27 -19.52 -10.30
N ILE A 157 0.82 -20.25 -10.56
CA ILE A 157 2.11 -19.65 -10.98
C ILE A 157 2.04 -18.94 -12.35
N GLN A 158 1.33 -19.54 -13.29
CA GLN A 158 1.13 -19.02 -14.66
C GLN A 158 0.49 -17.61 -14.64
N THR A 159 -0.84 -17.57 -14.47
CA THR A 159 -1.63 -16.35 -14.65
C THR A 159 -1.86 -15.63 -13.32
N HIS A 160 -0.77 -15.43 -12.57
CA HIS A 160 -0.84 -14.75 -11.28
C HIS A 160 0.56 -14.41 -10.76
N MET A 161 1.23 -15.37 -10.13
CA MET A 161 2.44 -15.09 -9.32
C MET A 161 3.66 -14.66 -10.12
N THR A 162 3.75 -15.10 -11.38
CA THR A 162 4.89 -14.77 -12.26
C THR A 162 4.43 -13.82 -13.40
N ASN A 163 3.57 -12.86 -13.06
CA ASN A 163 2.97 -11.92 -14.03
C ASN A 163 2.77 -10.54 -13.38
N ASN A 164 2.12 -9.62 -14.11
CA ASN A 164 1.84 -8.26 -13.60
C ASN A 164 0.77 -8.21 -12.47
N LYS A 165 -0.10 -9.22 -12.41
CA LYS A 165 -1.04 -9.37 -11.27
C LYS A 165 -0.40 -9.99 -10.00
N GLY A 166 0.94 -10.15 -9.99
CA GLY A 166 1.70 -10.56 -8.81
C GLY A 166 2.32 -9.38 -8.07
N SER A 167 3.28 -9.68 -7.20
CA SER A 167 3.79 -8.72 -6.22
C SER A 167 5.29 -8.89 -5.89
N ALA A 168 6.07 -9.27 -6.89
CA ALA A 168 7.50 -9.55 -6.72
C ALA A 168 8.37 -8.29 -6.64
N ALA A 169 7.87 -7.19 -7.21
CA ALA A 169 8.57 -5.91 -7.15
C ALA A 169 8.69 -5.39 -5.72
N TRP A 170 7.65 -5.61 -4.93
CA TRP A 170 7.57 -5.14 -3.55
C TRP A 170 7.91 -6.21 -2.51
N MET A 171 8.29 -7.40 -2.94
CA MET A 171 8.50 -8.53 -2.03
C MET A 171 9.91 -8.57 -1.49
N ALA A 172 10.04 -8.83 -0.19
CA ALA A 172 11.34 -8.99 0.46
C ALA A 172 12.07 -10.25 -0.02
N PRO A 173 13.41 -10.16 -0.20
CA PRO A 173 14.17 -11.33 -0.66
C PRO A 173 13.91 -12.60 0.14
N GLU A 174 13.98 -12.52 1.46
CA GLU A 174 13.74 -13.69 2.33
C GLU A 174 12.39 -14.41 2.15
N VAL A 175 11.36 -13.69 1.69
CA VAL A 175 10.07 -14.31 1.43
C VAL A 175 10.15 -15.20 0.20
N PHE A 176 10.41 -14.63 -0.98
CA PHE A 176 10.54 -15.43 -2.22
C PHE A 176 11.77 -16.35 -2.25
N GLU A 177 12.76 -16.07 -1.41
CA GLU A 177 13.93 -16.95 -1.24
C GLU A 177 13.57 -18.28 -0.57
N GLY A 178 12.48 -18.31 0.20
CA GLY A 178 12.08 -19.53 0.93
C GLY A 178 12.64 -19.61 2.34
N SER A 179 13.47 -18.63 2.73
CA SER A 179 13.96 -18.52 4.11
C SER A 179 12.84 -18.12 5.06
N ASN A 180 13.10 -18.22 6.36
CA ASN A 180 12.20 -17.70 7.38
C ASN A 180 12.17 -16.17 7.33
N TYR A 181 11.04 -15.59 7.71
CA TYR A 181 10.85 -14.13 7.69
C TYR A 181 10.07 -13.65 8.91
N SER A 182 10.02 -12.34 9.08
CA SER A 182 9.35 -11.72 10.19
C SER A 182 8.50 -10.56 9.69
N GLU A 183 8.00 -9.74 10.62
CA GLU A 183 7.38 -8.45 10.28
C GLU A 183 8.29 -7.47 9.50
N LYS A 184 9.61 -7.66 9.57
CA LYS A 184 10.55 -6.84 8.77
C LYS A 184 10.39 -7.00 7.26
N CYS A 185 9.70 -8.03 6.79
CA CYS A 185 9.40 -8.16 5.37
C CYS A 185 8.50 -7.02 4.89
N ASP A 186 7.54 -6.61 5.72
CA ASP A 186 6.68 -5.43 5.42
C ASP A 186 7.43 -4.11 5.34
N VAL A 187 8.53 -3.99 6.09
CA VAL A 187 9.37 -2.79 6.06
C VAL A 187 10.07 -2.65 4.70
N PHE A 188 10.57 -3.75 4.16
CA PHE A 188 11.14 -3.77 2.80
C PHE A 188 10.13 -3.25 1.79
N SER A 189 8.94 -3.85 1.78
CA SER A 189 7.85 -3.42 0.91
C SER A 189 7.56 -1.93 1.03
N TRP A 190 7.51 -1.44 2.26
CA TRP A 190 7.23 -0.04 2.51
C TRP A 190 8.30 0.87 1.89
N GLY A 191 9.56 0.44 2.00
CA GLY A 191 10.69 1.13 1.38
C GLY A 191 10.56 1.27 -0.12
N ILE A 192 10.05 0.22 -0.77
CA ILE A 192 9.80 0.22 -2.21
C ILE A 192 8.63 1.14 -2.56
N ILE A 193 7.59 1.15 -1.73
CA ILE A 193 6.41 1.98 -1.98
C ILE A 193 6.78 3.46 -1.88
N LEU A 194 7.63 3.82 -0.92
CA LEU A 194 8.13 5.19 -0.76
C LEU A 194 8.82 5.68 -2.04
N TRP A 195 9.74 4.86 -2.56
CA TRP A 195 10.40 5.13 -3.83
C TRP A 195 9.38 5.30 -4.95
N GLU A 196 8.37 4.43 -4.96
CA GLU A 196 7.35 4.44 -6.00
C GLU A 196 6.51 5.72 -6.03
N VAL A 197 6.01 6.15 -4.88
CA VAL A 197 5.23 7.40 -4.81
C VAL A 197 6.08 8.66 -5.06
N ILE A 198 7.31 8.67 -4.58
CA ILE A 198 8.23 9.79 -4.86
C ILE A 198 8.58 9.91 -6.36
N THR A 199 8.74 8.79 -7.06
CA THR A 199 9.12 8.80 -8.48
C THR A 199 7.97 8.61 -9.48
N ARG A 200 6.82 8.09 -9.02
CA ARG A 200 5.71 7.69 -9.90
C ARG A 200 6.16 6.75 -11.03
N ARG A 201 7.02 5.79 -10.67
CA ARG A 201 7.51 4.76 -11.57
C ARG A 201 7.14 3.41 -11.00
N LYS A 202 6.81 2.46 -11.88
CA LYS A 202 6.56 1.09 -11.46
C LYS A 202 7.90 0.48 -11.08
N PRO A 203 8.02 -0.11 -9.88
CA PRO A 203 9.34 -0.63 -9.48
C PRO A 203 9.78 -1.82 -10.34
N PHE A 204 11.02 -1.75 -10.82
CA PHE A 204 11.63 -2.76 -11.71
C PHE A 204 10.84 -2.97 -13.00
N ASP A 205 10.36 -1.85 -13.54
CA ASP A 205 9.76 -1.80 -14.87
C ASP A 205 10.86 -1.84 -15.92
N GLU A 206 12.07 -1.42 -15.52
CA GLU A 206 13.28 -1.52 -16.35
C GLU A 206 13.56 -2.98 -16.71
N ILE A 207 13.49 -3.85 -15.69
CA ILE A 207 13.72 -5.30 -15.85
C ILE A 207 12.52 -5.92 -16.55
N GLY A 208 11.40 -6.05 -15.84
CA GLY A 208 10.20 -6.64 -16.41
C GLY A 208 10.36 -8.11 -16.75
N GLY A 209 9.80 -8.51 -17.91
CA GLY A 209 9.68 -9.92 -18.27
C GLY A 209 8.72 -10.58 -17.30
N PRO A 210 8.92 -11.87 -17.01
CA PRO A 210 8.19 -12.48 -15.91
C PRO A 210 8.82 -12.13 -14.56
N ALA A 211 8.10 -12.44 -13.48
CA ALA A 211 8.50 -12.04 -12.13
C ALA A 211 9.83 -12.63 -11.64
N PHE A 212 10.16 -13.84 -12.06
CA PHE A 212 11.43 -14.46 -11.69
C PHE A 212 12.69 -13.68 -12.12
N ARG A 213 12.55 -12.82 -13.14
CA ARG A 213 13.65 -11.94 -13.57
C ARG A 213 13.93 -10.89 -12.49
N ILE A 214 12.85 -10.31 -11.96
CA ILE A 214 12.94 -9.33 -10.87
C ILE A 214 13.44 -9.98 -9.58
N MET A 215 12.91 -11.15 -9.25
CA MET A 215 13.37 -11.91 -8.10
C MET A 215 14.85 -12.22 -8.19
N TRP A 216 15.31 -12.61 -9.37
CA TRP A 216 16.72 -12.89 -9.61
C TRP A 216 17.60 -11.67 -9.36
N ALA A 217 17.17 -10.52 -9.88
CA ALA A 217 17.90 -9.26 -9.71
C ALA A 217 17.96 -8.82 -8.25
N VAL A 218 16.82 -8.88 -7.57
CA VAL A 218 16.73 -8.46 -6.16
C VAL A 218 17.57 -9.38 -5.25
N HIS A 219 17.56 -10.68 -5.54
CA HIS A 219 18.39 -11.66 -4.83
C HIS A 219 19.89 -11.41 -4.97
N ASN A 220 20.33 -10.90 -6.12
CA ASN A 220 21.73 -10.52 -6.33
C ASN A 220 22.08 -9.18 -5.69
N GLY A 221 21.07 -8.36 -5.42
CA GLY A 221 21.24 -7.07 -4.74
C GLY A 221 20.76 -5.85 -5.50
N THR A 222 20.06 -6.05 -6.62
CA THR A 222 19.47 -4.94 -7.37
C THR A 222 18.39 -4.27 -6.54
N ARG A 223 18.39 -2.93 -6.56
CA ARG A 223 17.37 -2.14 -5.90
C ARG A 223 16.93 -1.05 -6.87
N PRO A 224 15.84 -0.34 -6.55
CA PRO A 224 15.47 0.76 -7.43
C PRO A 224 16.55 1.85 -7.47
N PRO A 225 16.69 2.55 -8.62
CA PRO A 225 17.72 3.57 -8.70
C PRO A 225 17.52 4.68 -7.69
N LEU A 226 18.62 5.32 -7.28
CA LEU A 226 18.57 6.45 -6.36
C LEU A 226 17.95 7.65 -7.05
N ILE A 227 17.38 8.55 -6.25
CA ILE A 227 16.58 9.65 -6.74
C ILE A 227 17.38 10.96 -6.65
N LYS A 228 17.44 11.71 -7.74
CA LYS A 228 18.13 13.00 -7.79
C LYS A 228 17.48 14.03 -6.87
N ASN A 229 18.31 14.67 -6.05
CA ASN A 229 17.90 15.78 -5.18
C ASN A 229 17.00 15.35 -4.01
N LEU A 230 17.04 14.06 -3.67
CA LEU A 230 16.23 13.53 -2.58
C LEU A 230 16.91 13.91 -1.28
N PRO A 231 16.18 14.51 -0.31
CA PRO A 231 16.80 14.81 0.98
C PRO A 231 17.49 13.60 1.60
N LYS A 232 18.65 13.83 2.22
CA LYS A 232 19.45 12.75 2.81
C LYS A 232 18.71 11.93 3.88
N PRO A 233 17.93 12.60 4.77
CA PRO A 233 17.17 11.79 5.74
C PRO A 233 16.13 10.85 5.12
N ILE A 234 15.50 11.26 4.02
CA ILE A 234 14.53 10.41 3.32
C ILE A 234 15.27 9.27 2.58
N GLU A 235 16.43 9.58 2.01
CA GLU A 235 17.28 8.57 1.38
C GLU A 235 17.85 7.54 2.38
N SER A 236 18.20 7.99 3.59
CA SER A 236 18.67 7.08 4.64
C SER A 236 17.58 6.10 5.03
N LEU A 237 16.39 6.61 5.32
CA LEU A 237 15.26 5.80 5.73
C LEU A 237 14.83 4.84 4.63
N MET A 238 14.84 5.32 3.39
CA MET A 238 14.46 4.50 2.25
C MET A 238 15.43 3.34 2.10
N THR A 239 16.72 3.63 1.99
CA THR A 239 17.74 2.61 1.68
C THR A 239 17.99 1.60 2.82
N ARG A 240 17.70 2.00 4.06
CA ARG A 240 17.73 1.06 5.19
C ARG A 240 16.65 -0.02 5.09
N CYS A 241 15.45 0.36 4.65
CA CYS A 241 14.35 -0.59 4.46
C CYS A 241 14.64 -1.61 3.37
N TRP A 242 15.40 -1.21 2.35
CA TRP A 242 15.86 -2.11 1.28
C TRP A 242 16.89 -3.15 1.72
N SER A 243 17.48 -3.03 2.90
CA SER A 243 18.58 -3.89 3.34
C SER A 243 18.32 -5.38 3.17
N LYS A 244 19.32 -6.11 2.65
CA LYS A 244 19.26 -7.56 2.46
C LYS A 244 19.01 -8.28 3.77
N ASP A 245 19.80 -7.92 4.78
CA ASP A 245 19.61 -8.42 6.13
C ASP A 245 18.38 -7.72 6.73
N PRO A 246 17.39 -8.50 7.22
CA PRO A 246 16.23 -7.86 7.87
C PRO A 246 16.54 -7.17 9.21
N SER A 247 17.59 -7.61 9.90
CA SER A 247 18.01 -7.02 11.18
C SER A 247 18.38 -5.54 11.07
N GLN A 248 18.94 -5.16 9.91
CA GLN A 248 19.36 -3.77 9.66
C GLN A 248 18.21 -2.85 9.23
N ARG A 249 17.06 -3.41 8.89
CA ARG A 249 15.87 -2.61 8.57
C ARG A 249 15.24 -2.05 9.84
N PRO A 250 14.72 -0.81 9.79
CA PRO A 250 14.05 -0.24 10.94
C PRO A 250 12.74 -0.92 11.26
N SER A 251 12.27 -0.71 12.48
CA SER A 251 10.91 -1.13 12.87
C SER A 251 9.89 -0.18 12.25
N MET A 252 8.66 -0.64 12.13
CA MET A 252 7.58 0.21 11.65
C MET A 252 7.27 1.30 12.68
N GLU A 253 7.45 0.98 13.96
CA GLU A 253 7.33 1.94 15.07
C GLU A 253 8.29 3.11 14.88
N GLU A 254 9.52 2.80 14.51
CA GLU A 254 10.55 3.81 14.26
C GLU A 254 10.24 4.64 13.02
N ILE A 255 9.73 3.99 11.97
CA ILE A 255 9.36 4.69 10.75
C ILE A 255 8.26 5.71 11.03
N VAL A 256 7.22 5.29 11.76
CA VAL A 256 6.11 6.17 12.11
C VAL A 256 6.61 7.42 12.85
N LYS A 257 7.53 7.25 13.78
CA LYS A 257 8.09 8.38 14.54
C LYS A 257 8.83 9.32 13.59
N ILE A 258 9.79 8.78 12.83
CA ILE A 258 10.60 9.57 11.89
C ILE A 258 9.72 10.32 10.90
N MET A 259 8.77 9.62 10.28
CA MET A 259 7.87 10.21 9.28
C MET A 259 6.94 11.25 9.89
N THR A 260 6.37 10.96 11.05
CA THR A 260 5.52 11.90 11.78
C THR A 260 6.21 13.26 11.92
N HIS A 261 7.49 13.23 12.26
CA HIS A 261 8.27 14.48 12.44
C HIS A 261 8.74 15.17 11.16
N LEU A 262 8.96 14.41 10.09
CA LEU A 262 9.22 15.01 8.77
C LEU A 262 8.05 15.81 8.20
N MET A 263 6.82 15.50 8.60
CA MET A 263 5.63 16.18 8.07
C MET A 263 5.58 17.67 8.37
N ARG A 264 6.32 18.11 9.38
CA ARG A 264 6.56 19.54 9.62
C ARG A 264 7.09 20.26 8.37
N TYR A 265 7.90 19.56 7.59
CA TYR A 265 8.52 20.11 6.39
C TYR A 265 7.76 19.75 5.10
N PHE A 266 6.51 19.35 5.27
CA PHE A 266 5.68 18.85 4.16
C PHE A 266 4.21 19.21 4.42
N PRO A 267 3.91 20.52 4.52
CA PRO A 267 2.53 20.96 4.72
C PRO A 267 1.69 20.81 3.45
N GLY A 268 0.38 20.68 3.64
CA GLY A 268 -0.58 20.64 2.54
C GLY A 268 -1.08 19.28 2.12
N ALA A 269 -0.89 18.27 2.97
CA ALA A 269 -1.34 16.91 2.67
C ALA A 269 -2.86 16.74 2.75
N ASP A 270 -3.53 17.63 3.49
CA ASP A 270 -4.99 17.64 3.59
C ASP A 270 -5.71 18.19 2.33
N GLU A 271 -4.96 18.69 1.35
CA GLU A 271 -5.56 19.15 0.09
C GLU A 271 -5.96 17.97 -0.79
N PRO A 272 -7.26 17.85 -1.12
CA PRO A 272 -7.69 16.69 -1.89
C PRO A 272 -7.21 16.73 -3.34
N LEU A 273 -7.18 15.58 -3.99
CA LEU A 273 -6.70 15.47 -5.37
C LEU A 273 -7.75 15.99 -6.34
N GLN A 274 -7.45 17.13 -6.96
CA GLN A 274 -8.38 17.81 -7.87
C GLN A 274 -7.80 18.31 -9.19
N TYR A 275 -6.49 18.42 -9.32
CA TYR A 275 -5.87 18.98 -10.51
C TYR A 275 -5.34 17.85 -11.42
N PRO A 276 -5.45 17.99 -12.75
CA PRO A 276 -4.98 16.91 -13.62
C PRO A 276 -3.49 17.03 -13.90
N CYS A 277 -2.92 15.96 -14.45
CA CYS A 277 -1.48 15.87 -14.69
C CYS A 277 -1.25 15.20 -16.03
N GLN A 278 -0.25 15.69 -16.76
CA GLN A 278 0.22 15.05 -17.98
C GLN A 278 1.61 14.55 -17.66
N HIS A 279 1.68 13.28 -17.26
CA HIS A 279 2.90 12.67 -16.76
C HIS A 279 3.64 11.93 -17.89
N SER A 280 4.95 12.18 -17.99
CA SER A 280 5.83 11.47 -18.95
C SER A 280 7.23 11.29 -18.35
N LEU A 281 7.82 10.13 -18.59
CA LEU A 281 9.04 9.70 -17.89
C LEU A 281 10.33 9.98 -18.66
N PRO A 282 11.27 10.76 -18.06
CA PRO A 282 12.62 10.88 -18.65
C PRO A 282 13.40 9.55 -18.66
N GLY A 287 21.77 5.82 -14.40
CA GLY A 287 22.18 5.68 -13.00
C GLY A 287 21.08 6.10 -12.03
N ARG A 288 20.97 7.41 -11.82
CA ARG A 288 19.95 8.00 -10.93
C ARG A 288 18.67 8.33 -11.72
N VAL A 289 17.63 8.73 -11.00
CA VAL A 289 16.33 9.03 -11.60
C VAL A 289 15.72 10.27 -10.93
N GLU A 290 14.93 11.05 -11.68
CA GLU A 290 14.30 12.25 -11.11
C GLU A 290 13.00 11.92 -10.39
N PRO A 291 12.70 12.65 -9.30
CA PRO A 291 11.42 12.45 -8.61
C PRO A 291 10.27 13.14 -9.35
N TYR A 292 9.08 12.59 -9.21
CA TYR A 292 7.87 13.20 -9.74
C TYR A 292 7.52 14.43 -8.90
N VAL A 293 7.49 14.25 -7.57
CA VAL A 293 7.26 15.35 -6.63
C VAL A 293 8.46 16.32 -6.58
N ASP A 294 8.23 17.47 -5.93
CA ASP A 294 9.19 18.57 -5.87
C ASP A 294 9.56 18.86 -4.41
N PHE A 295 10.86 18.76 -4.10
CA PHE A 295 11.37 18.92 -2.74
C PHE A 295 11.92 20.33 -2.42
N ALA A 296 11.52 21.34 -3.18
CA ALA A 296 12.06 22.69 -3.04
C ALA A 296 11.56 23.36 -1.77
N GLU A 297 10.26 23.27 -1.51
CA GLU A 297 9.67 23.84 -0.30
C GLU A 297 10.16 23.12 0.96
N PHE A 298 10.54 21.85 0.84
CA PHE A 298 11.07 21.09 1.98
C PHE A 298 12.35 21.70 2.46
N TYR A 299 13.30 21.84 1.53
CA TYR A 299 14.60 22.45 1.83
C TYR A 299 14.44 23.87 2.38
N ARG A 300 13.48 24.62 1.83
CA ARG A 300 13.21 25.98 2.27
C ARG A 300 12.78 26.00 3.73
N LEU A 301 11.78 25.18 4.08
CA LEU A 301 11.29 25.08 5.47
C LEU A 301 12.33 24.48 6.42
N TRP A 302 13.14 23.55 5.91
CA TRP A 302 14.25 22.99 6.67
C TRP A 302 15.24 24.07 7.07
N SER A 303 15.69 24.86 6.10
CA SER A 303 16.61 26.00 6.34
C SER A 303 16.16 26.95 7.42
N VAL A 304 14.86 27.28 7.42
CA VAL A 304 14.29 28.18 8.41
C VAL A 304 14.45 27.62 9.83
N ASP A 305 14.15 26.32 9.99
CA ASP A 305 14.33 25.64 11.27
C ASP A 305 15.80 25.50 11.66
N HIS A 306 16.64 25.07 10.73
CA HIS A 306 18.06 24.80 11.01
C HIS A 306 18.95 25.95 10.51
N GLY A 307 18.57 27.19 10.84
CA GLY A 307 19.26 28.37 10.32
C GLY A 307 18.48 29.66 10.56
C1 6V4 B . -11.34 0.20 -6.99
C2 6V4 B . -10.40 -0.71 -6.50
C3 6V4 B . -10.60 -1.35 -5.28
C4 6V4 B . -11.75 -1.05 -4.50
C5 6V4 B . -12.68 -0.14 -5.00
C6 6V4 B . -12.48 0.47 -6.23
C7 6V4 B . -11.09 0.85 -8.31
C12 6V4 B . -12.40 1.31 -10.31
C13 6V4 B . -13.76 1.88 -10.65
C15 6V4 B . -13.58 3.51 -8.93
O8 6V4 B . -9.99 0.78 -8.82
N9 6V4 B . -12.08 1.56 -8.89
O10 6V4 B . -9.68 -2.22 -4.75
N11 6V4 B . -11.90 -1.72 -3.25
N14 6V4 B . -13.82 3.31 -10.35
C16 6V4 B . -12.20 2.98 -8.53
C17 6V4 B . -15.13 3.87 -10.73
C18 6V4 B . -12.46 -1.28 -2.08
C19 6V4 B . -12.27 -2.21 -0.93
O20 6V4 B . -13.09 -0.22 -1.95
S21 6V4 B . -12.22 -3.23 1.38
C22 6V4 B . -12.58 -1.89 0.35
C23 6V4 B . -11.66 -4.12 0.01
N24 6V4 B . -11.75 -3.48 -1.14
C25 6V4 B . -11.17 -5.50 0.15
C26 6V4 B . -9.75 -3.67 -4.99
C27 6V4 B . -9.25 -4.04 -6.36
C28 6V4 B . -8.95 -4.31 -3.87
C29 6V4 B . -11.20 -6.36 -0.93
C30 6V4 B . -10.76 -7.67 -0.80
C31 6V4 B . -10.27 -8.13 0.42
C32 6V4 B . -10.23 -7.27 1.51
C33 6V4 B . -10.68 -5.96 1.38
N34 6V4 B . -9.74 -7.80 2.73
C35 6V4 B . -8.92 -7.18 3.64
N36 6V4 B . -8.34 -8.07 4.51
O37 6V4 B . -8.73 -5.97 3.66
C38 6V4 B . -7.43 -7.80 5.57
C39 6V4 B . -6.84 -6.55 5.78
C40 6V4 B . -5.95 -6.37 6.83
C41 6V4 B . -5.65 -7.41 7.68
C42 6V4 B . -6.23 -8.65 7.48
C43 6V4 B . -7.12 -8.85 6.44
#